data_9MD7
#
_entry.id   9MD7
#
_cell.length_a   104.333
_cell.length_b   104.333
_cell.length_c   129.125
_cell.angle_alpha   90.000
_cell.angle_beta   90.000
_cell.angle_gamma   120.000
#
_symmetry.space_group_name_H-M   'P 31 2 1'
#
loop_
_entity.id
_entity.type
_entity.pdbx_description
1 polymer Protease
2 non-polymer N-(dihydroxymethyl)-L-phenylalanyl-N-[(2R,3S)-2-hydroxy-1-methoxy-5-methyl-1-oxohexan-3-yl]-L-lysinamide
3 water water
#
_entity_poly.entity_id   1
_entity_poly.type   'polypeptide(L)'
_entity_poly.pdbx_seq_one_letter_code
;GPLGSPEFEPKLGQPVEWTPCRSSNPQVKIPGGALCGKLAVPVDYDRPDGDVAALALIRFPATGDKIGSLVINPGGPGES
GIEAALGVFQTLPKRVHERFDLVGFDPRGVASSRPAIWCNSDADNDRLRAEPQVDYSREGVAHIENETKQFVGRCVDKMG
KNFLAHVGTVNVAKDLDAIRAALGDDKLTYLGYSYGTRIGSAYAEEFPQRVRAMILDGAVDPNADPIEAELRQAKGFQDA
FNNYAADCAKNAGCPLGADPAKAVEVYHSLVDPLVDPDNPRISRPARTKDPRGLSYSDAIVGTIMALYSPNLWQHLTDGL
SELVDNRGDTLLALADMYMRRDSHGRYNNSGDARVAINCVDQPPVTDRDKVIDEDRRAREIAPFMSYGKFTGDAPLGTCA
FWPVPPTSQPHAVSAPGLVPTVVVSTTHDPATPYKAGVDLANQLRGSLLTFDGTQHTVVFQGDSCIDEYVTAYLIGGTTP
PSGAKC
;
_entity_poly.pdbx_strand_id   A
#
loop_
_chem_comp.id
_chem_comp.type
_chem_comp.name
_chem_comp.formula
A1BK4 non-polymer N-(dihydroxymethyl)-L-phenylalanyl-N-[(2R,3S)-2-hydroxy-1-methoxy-5-methyl-1-oxohexan-3-yl]-L-lysinamide 'C24 H40 N4 O7'
#
# COMPACT_ATOMS: atom_id res chain seq x y z
N PRO A 15 -3.93 31.28 0.83
CA PRO A 15 -2.72 31.43 1.64
C PRO A 15 -2.63 30.34 2.68
N VAL A 16 -1.43 30.01 3.14
CA VAL A 16 -1.26 28.92 4.09
C VAL A 16 -0.74 29.48 5.39
N GLU A 17 -1.58 29.44 6.42
CA GLU A 17 -1.17 29.79 7.76
C GLU A 17 -0.63 28.54 8.44
N TRP A 18 0.65 28.57 8.78
CA TRP A 18 1.34 27.43 9.37
C TRP A 18 1.32 27.54 10.88
N THR A 19 0.89 26.46 11.55
CA THR A 19 0.74 26.42 12.98
C THR A 19 1.53 25.26 13.59
N PRO A 20 2.07 25.43 14.78
CA PRO A 20 2.64 24.29 15.51
C PRO A 20 1.57 23.31 15.92
N CYS A 21 2.04 22.15 16.41
CA CYS A 21 1.16 20.99 16.58
C CYS A 21 1.56 20.10 17.76
N ARG A 22 2.84 19.76 17.85
CA ARG A 22 3.43 19.10 19.03
C ARG A 22 4.95 19.10 18.90
N PRO A 31 8.67 16.58 17.95
CA PRO A 31 8.94 15.55 16.94
C PRO A 31 9.73 16.07 15.75
N GLY A 32 10.58 17.06 15.98
CA GLY A 32 11.33 17.72 14.93
C GLY A 32 11.25 19.22 15.02
N GLY A 33 11.23 19.92 13.89
CA GLY A 33 10.88 21.34 13.87
C GLY A 33 9.71 21.61 12.95
N ALA A 34 8.54 21.04 13.23
CA ALA A 34 7.50 20.78 12.25
C ALA A 34 6.37 21.81 12.26
N LEU A 35 5.86 22.09 11.06
CA LEU A 35 4.73 22.98 10.82
C LEU A 35 3.50 22.21 10.42
N CYS A 36 2.33 22.83 10.60
CA CYS A 36 1.05 22.19 10.31
C CYS A 36 0.09 23.16 9.66
N GLY A 37 -0.61 22.69 8.63
CA GLY A 37 -1.59 23.52 7.95
C GLY A 37 -2.65 22.67 7.29
N LYS A 38 -3.64 23.32 6.69
CA LYS A 38 -4.69 22.65 5.95
C LYS A 38 -4.95 23.39 4.65
N LEU A 39 -5.40 22.67 3.62
CA LEU A 39 -5.61 23.25 2.30
C LEU A 39 -7.04 23.08 1.83
N ALA A 40 -7.64 24.18 1.41
CA ALA A 40 -8.97 24.15 0.82
C ALA A 40 -8.85 23.70 -0.63
N VAL A 41 -9.44 22.55 -0.95
CA VAL A 41 -9.52 22.08 -2.33
C VAL A 41 -10.97 21.71 -2.62
N PRO A 42 -11.42 21.85 -3.86
CA PRO A 42 -12.78 21.45 -4.20
C PRO A 42 -12.91 19.95 -4.38
N VAL A 43 -14.12 19.43 -4.12
CA VAL A 43 -14.36 18.01 -4.30
C VAL A 43 -14.44 17.67 -5.77
N ASP A 44 -15.44 18.21 -6.46
CA ASP A 44 -15.42 18.19 -7.91
C ASP A 44 -14.59 19.36 -8.38
N TYR A 45 -13.61 19.08 -9.24
CA TYR A 45 -12.94 20.16 -9.94
C TYR A 45 -13.75 20.66 -11.12
N ASP A 46 -14.69 19.84 -11.62
CA ASP A 46 -15.68 20.35 -12.55
C ASP A 46 -16.62 21.35 -11.87
N ARG A 47 -16.91 21.14 -10.59
CA ARG A 47 -17.81 21.99 -9.83
C ARG A 47 -17.07 22.74 -8.74
N PRO A 48 -16.24 23.71 -9.06
CA PRO A 48 -15.40 24.34 -8.04
C PRO A 48 -16.09 25.53 -7.35
N ASP A 49 -17.23 25.25 -6.69
CA ASP A 49 -17.98 26.30 -6.00
C ASP A 49 -18.92 25.73 -4.94
N GLY A 50 -18.88 24.42 -4.70
CA GLY A 50 -19.84 23.82 -3.80
C GLY A 50 -19.32 23.49 -2.42
N ASP A 51 -18.47 22.46 -2.35
CA ASP A 51 -17.96 21.93 -1.10
C ASP A 51 -16.45 21.74 -1.20
N VAL A 52 -15.79 21.78 -0.04
CA VAL A 52 -14.35 21.94 0.04
C VAL A 52 -13.79 20.92 1.02
N ALA A 53 -12.64 20.34 0.66
CA ALA A 53 -11.88 19.51 1.59
C ALA A 53 -10.81 20.36 2.27
N ALA A 54 -10.34 19.85 3.40
CA ALA A 54 -9.25 20.46 4.14
C ALA A 54 -8.15 19.42 4.27
N LEU A 55 -6.99 19.70 3.68
CA LEU A 55 -5.93 18.72 3.55
C LEU A 55 -4.91 18.87 4.68
N ALA A 56 -4.68 17.79 5.41
CA ALA A 56 -3.67 17.77 6.45
C ALA A 56 -2.28 17.94 5.84
N LEU A 57 -1.47 18.79 6.47
CA LEU A 57 -0.17 19.21 5.94
C LEU A 57 0.87 19.28 7.05
N ILE A 58 2.11 18.98 6.69
CA ILE A 58 3.18 19.11 7.67
C ILE A 58 4.47 19.49 6.98
N ARG A 59 5.07 20.60 7.41
CA ARG A 59 6.27 21.14 6.78
C ARG A 59 7.44 21.03 7.73
N PHE A 60 8.47 20.31 7.29
CA PHE A 60 9.76 20.26 7.97
C PHE A 60 10.74 21.19 7.27
N PRO A 61 11.08 22.32 7.85
CA PRO A 61 12.00 23.25 7.20
C PRO A 61 13.34 22.62 6.84
N ALA A 62 13.97 23.18 5.81
CA ALA A 62 15.34 22.84 5.46
C ALA A 62 16.30 23.41 6.50
N THR A 63 17.52 22.91 6.49
CA THR A 63 18.50 23.35 7.47
C THR A 63 19.69 24.08 6.86
N GLY A 64 19.65 24.40 5.57
CA GLY A 64 20.71 25.15 4.91
C GLY A 64 20.16 25.98 3.77
N ASP A 65 20.99 26.22 2.76
CA ASP A 65 20.47 26.81 1.52
C ASP A 65 19.45 25.86 0.94
N LYS A 66 18.32 26.40 0.51
CA LYS A 66 17.25 25.55 0.02
C LYS A 66 17.04 25.70 -1.47
N ILE A 67 16.66 24.59 -2.09
CA ILE A 67 16.09 24.66 -3.43
C ILE A 67 14.57 24.76 -3.36
N GLY A 68 13.95 23.97 -2.49
CA GLY A 68 12.52 24.06 -2.33
C GLY A 68 11.98 23.05 -1.35
N SER A 69 10.74 22.64 -1.53
CA SER A 69 10.15 21.61 -0.70
C SER A 69 10.12 20.31 -1.47
N LEU A 70 10.63 19.26 -0.84
CA LEU A 70 10.42 17.91 -1.35
C LEU A 70 9.13 17.38 -0.75
N VAL A 71 8.32 16.76 -1.59
CA VAL A 71 7.03 16.23 -1.19
C VAL A 71 7.06 14.72 -1.34
N ILE A 72 6.68 14.03 -0.28
CA ILE A 72 6.67 12.57 -0.30
C ILE A 72 5.23 12.10 -0.13
N ASN A 73 4.99 10.85 -0.54
CA ASN A 73 3.72 10.22 -0.27
C ASN A 73 3.96 8.72 -0.10
N PRO A 74 3.47 8.13 0.99
CA PRO A 74 3.71 6.71 1.25
C PRO A 74 2.85 5.79 0.40
N GLY A 75 1.95 6.35 -0.38
CA GLY A 75 1.06 5.52 -1.15
C GLY A 75 0.02 4.90 -0.25
N GLY A 76 -0.11 3.59 -0.35
CA GLY A 76 -1.21 2.88 0.24
C GLY A 76 -2.03 2.20 -0.84
N PRO A 77 -3.10 2.86 -1.31
CA PRO A 77 -3.62 4.16 -0.88
C PRO A 77 -4.27 4.08 0.50
N GLY A 78 -4.22 5.16 1.26
CA GLY A 78 -4.73 5.17 2.61
C GLY A 78 -3.66 5.61 3.59
N GLU A 79 -2.40 5.47 3.20
CA GLU A 79 -1.30 5.79 4.09
C GLU A 79 -1.25 7.29 4.37
N SER A 80 -1.25 7.63 5.65
CA SER A 80 -1.19 9.02 6.06
C SER A 80 0.16 9.61 5.71
N GLY A 81 0.15 10.64 4.86
CA GLY A 81 1.38 11.34 4.55
C GLY A 81 1.96 12.08 5.73
N ILE A 82 1.11 12.44 6.69
CA ILE A 82 1.63 12.94 7.96
C ILE A 82 2.46 11.86 8.65
N GLU A 83 1.92 10.64 8.69
CA GLU A 83 2.61 9.48 9.27
C GLU A 83 4.01 9.27 8.70
N ALA A 84 4.06 8.77 7.46
CA ALA A 84 5.33 8.46 6.81
C ALA A 84 6.36 9.56 7.04
N ALA A 85 5.95 10.81 6.90
CA ALA A 85 6.87 11.93 6.94
C ALA A 85 7.63 12.04 8.26
N LEU A 86 7.21 11.31 9.29
CA LEU A 86 7.98 11.28 10.52
C LEU A 86 8.95 10.10 10.56
N GLY A 87 8.53 8.96 10.06
CA GLY A 87 9.47 7.87 9.88
C GLY A 87 10.59 8.27 8.94
N VAL A 88 10.23 8.99 7.87
CA VAL A 88 11.22 9.46 6.91
C VAL A 88 12.17 10.45 7.55
N PHE A 89 11.63 11.34 8.40
CA PHE A 89 12.43 12.38 9.04
C PHE A 89 13.65 11.79 9.75
N GLN A 90 13.47 10.68 10.44
CA GLN A 90 14.59 10.13 11.19
C GLN A 90 15.68 9.60 10.26
N THR A 91 15.29 9.07 9.08
CA THR A 91 16.20 8.47 8.11
C THR A 91 16.47 9.40 6.92
N LEU A 92 16.50 10.70 7.18
CA LEU A 92 16.65 11.69 6.13
C LEU A 92 18.11 12.10 5.98
N PRO A 93 18.71 11.90 4.81
CA PRO A 93 20.11 12.25 4.61
C PRO A 93 20.45 13.62 5.14
N LYS A 94 21.66 13.73 5.71
CA LYS A 94 22.14 14.99 6.23
C LYS A 94 21.91 16.11 5.23
N ARG A 95 22.38 15.91 3.99
CA ARG A 95 22.41 16.99 3.01
C ARG A 95 21.05 17.26 2.38
N VAL A 96 20.22 16.23 2.26
CA VAL A 96 18.87 16.45 1.76
C VAL A 96 18.13 17.40 2.68
N HIS A 97 18.10 17.06 3.98
CA HIS A 97 17.54 17.92 4.99
C HIS A 97 17.95 19.37 4.78
N GLU A 98 19.23 19.60 4.47
CA GLU A 98 19.75 20.96 4.35
C GLU A 98 19.02 21.74 3.26
N ARG A 99 18.79 21.11 2.11
CA ARG A 99 18.37 21.83 0.94
C ARG A 99 16.88 21.73 0.66
N PHE A 100 16.11 21.12 1.56
CA PHE A 100 14.69 20.96 1.28
C PHE A 100 13.80 21.09 2.51
N ASP A 101 12.66 21.73 2.31
CA ASP A 101 11.48 21.51 3.16
C ASP A 101 10.97 20.12 2.89
N LEU A 102 11.19 19.19 3.79
CA LEU A 102 10.45 17.96 3.68
C LEU A 102 9.01 18.25 4.08
N VAL A 103 8.09 17.95 3.20
CA VAL A 103 6.69 18.22 3.44
C VAL A 103 5.91 16.95 3.14
N GLY A 104 4.99 16.58 4.07
CA GLY A 104 4.10 15.47 3.86
C GLY A 104 2.66 15.89 4.07
N PHE A 105 1.74 15.06 3.57
CA PHE A 105 0.35 15.45 3.55
C PHE A 105 -0.55 14.24 3.55
N ASP A 106 -1.66 14.36 4.22
CA ASP A 106 -2.72 13.42 4.03
C ASP A 106 -3.50 13.78 2.78
N PRO A 107 -3.71 12.85 1.89
CA PRO A 107 -4.54 13.11 0.72
C PRO A 107 -6.02 13.22 1.09
N ARG A 108 -6.90 13.48 0.11
CA ARG A 108 -8.28 13.90 0.35
C ARG A 108 -9.18 12.82 0.95
N GLY A 109 -9.21 12.73 2.28
CA GLY A 109 -10.00 11.72 2.95
C GLY A 109 -9.18 10.86 3.91
N VAL A 110 -7.94 11.28 4.17
CA VAL A 110 -6.99 10.45 4.88
C VAL A 110 -6.81 10.98 6.29
N ALA A 111 -7.36 10.24 7.25
CA ALA A 111 -7.13 10.49 8.67
C ALA A 111 -7.40 11.96 8.94
N SER A 112 -6.39 12.74 9.32
CA SER A 112 -6.64 14.13 9.66
C SER A 112 -7.27 14.87 8.50
N SER A 113 -6.92 14.50 7.28
CA SER A 113 -7.52 15.13 6.11
C SER A 113 -9.01 14.96 6.16
N ARG A 114 -9.68 16.05 6.14
CA ARG A 114 -11.11 16.07 6.22
C ARG A 114 -11.72 16.40 4.87
N PRO A 115 -12.88 15.84 4.58
CA PRO A 115 -13.58 14.82 5.37
C PRO A 115 -12.98 13.42 5.21
N ALA A 116 -12.86 12.65 6.30
CA ALA A 116 -12.26 11.34 6.23
C ALA A 116 -13.32 10.30 5.86
N ILE A 117 -12.85 9.19 5.30
CA ILE A 117 -13.72 8.16 4.79
C ILE A 117 -14.05 7.19 5.90
N TRP A 118 -15.34 6.88 6.06
CA TRP A 118 -15.76 5.94 7.08
C TRP A 118 -16.86 5.07 6.53
N CYS A 119 -16.56 3.79 6.36
CA CYS A 119 -17.57 2.77 6.11
C CYS A 119 -17.67 1.86 7.30
N ASN A 120 -16.66 1.05 7.54
CA ASN A 120 -16.71 0.08 8.59
C ASN A 120 -16.46 0.73 9.93
N SER A 121 -17.13 0.18 10.95
CA SER A 121 -16.84 0.48 12.33
C SER A 121 -15.75 -0.48 12.80
N ASP A 122 -15.34 -0.32 14.06
CA ASP A 122 -14.39 -1.26 14.65
C ASP A 122 -15.00 -2.64 14.73
N ALA A 123 -16.19 -2.74 15.31
CA ALA A 123 -16.92 -3.99 15.30
C ALA A 123 -16.95 -4.58 13.90
N ASP A 124 -17.28 -3.76 12.91
CA ASP A 124 -17.33 -4.22 11.53
C ASP A 124 -16.04 -4.94 11.15
N ASN A 125 -14.90 -4.36 11.51
CA ASN A 125 -13.63 -4.91 11.07
C ASN A 125 -13.31 -6.18 11.84
N ASP A 126 -13.26 -6.08 13.18
CA ASP A 126 -13.01 -7.26 14.00
C ASP A 126 -13.92 -8.40 13.61
N ARG A 127 -15.20 -8.11 13.40
CA ARG A 127 -16.14 -9.15 13.00
C ARG A 127 -15.71 -9.83 11.72
N LEU A 128 -15.28 -9.07 10.74
CA LEU A 128 -14.81 -9.65 9.49
C LEU A 128 -13.59 -10.51 9.72
N ARG A 129 -12.57 -9.97 10.38
CA ARG A 129 -11.33 -10.68 10.60
C ARG A 129 -11.49 -11.89 11.51
N ALA A 130 -12.62 -12.03 12.18
CA ALA A 130 -12.88 -13.21 12.99
C ALA A 130 -13.14 -14.44 12.15
N GLU A 131 -13.36 -14.27 10.97
CA GLU A 131 -13.67 -15.31 10.04
C GLU A 131 -12.41 -15.73 9.31
N PRO A 132 -12.39 -16.98 8.87
CA PRO A 132 -11.23 -17.50 8.12
C PRO A 132 -11.24 -17.14 6.64
N GLN A 133 -12.42 -16.96 6.06
CA GLN A 133 -12.56 -16.55 4.67
C GLN A 133 -11.78 -17.48 3.74
N VAL A 134 -12.34 -18.68 3.53
CA VAL A 134 -11.67 -19.74 2.79
C VAL A 134 -12.70 -20.53 2.00
N ASP A 135 -13.93 -20.53 2.50
CA ASP A 135 -15.03 -21.28 1.91
C ASP A 135 -15.53 -20.54 0.67
N TYR A 136 -15.29 -21.14 -0.51
CA TYR A 136 -15.78 -20.62 -1.77
C TYR A 136 -16.87 -21.49 -2.37
N SER A 137 -17.54 -22.28 -1.53
CA SER A 137 -18.79 -22.87 -1.96
C SER A 137 -19.76 -21.77 -2.35
N ARG A 138 -20.80 -22.14 -3.09
CA ARG A 138 -21.79 -21.16 -3.49
C ARG A 138 -22.34 -20.38 -2.29
N GLU A 139 -22.67 -21.08 -1.19
CA GLU A 139 -23.14 -20.37 0.00
C GLU A 139 -22.04 -19.51 0.60
N GLY A 140 -20.82 -20.03 0.61
CA GLY A 140 -19.71 -19.27 1.13
C GLY A 140 -19.40 -18.06 0.28
N VAL A 141 -19.48 -18.22 -1.04
CA VAL A 141 -19.36 -17.07 -1.91
C VAL A 141 -20.59 -16.18 -1.76
N ALA A 142 -21.75 -16.78 -1.48
CA ALA A 142 -22.98 -16.01 -1.29
C ALA A 142 -22.85 -15.09 -0.09
N HIS A 143 -22.19 -15.56 0.95
CA HIS A 143 -22.17 -14.83 2.20
C HIS A 143 -21.26 -13.60 2.11
N ILE A 144 -20.07 -13.80 1.55
CA ILE A 144 -19.08 -12.73 1.41
C ILE A 144 -19.70 -11.51 0.76
N GLU A 145 -20.26 -11.70 -0.42
CA GLU A 145 -20.71 -10.58 -1.24
C GLU A 145 -21.96 -9.94 -0.68
N ASN A 146 -22.76 -10.73 0.04
CA ASN A 146 -23.79 -10.14 0.86
C ASN A 146 -23.17 -9.14 1.83
N GLU A 147 -22.09 -9.54 2.49
CA GLU A 147 -21.44 -8.64 3.41
C GLU A 147 -20.70 -7.54 2.69
N THR A 148 -20.12 -7.84 1.53
CA THR A 148 -19.65 -6.78 0.66
C THR A 148 -20.77 -5.77 0.44
N LYS A 149 -21.97 -6.27 0.15
CA LYS A 149 -23.09 -5.40 -0.14
C LYS A 149 -23.43 -4.52 1.06
N GLN A 150 -23.76 -5.12 2.20
CA GLN A 150 -24.13 -4.31 3.35
C GLN A 150 -23.03 -3.32 3.68
N PHE A 151 -21.79 -3.70 3.40
CA PHE A 151 -20.67 -2.83 3.69
C PHE A 151 -20.69 -1.57 2.85
N VAL A 152 -20.95 -1.72 1.55
CA VAL A 152 -20.95 -0.58 0.66
C VAL A 152 -22.01 0.44 1.08
N GLY A 153 -23.16 -0.05 1.55
CA GLY A 153 -24.21 0.88 1.96
C GLY A 153 -23.81 1.76 3.12
N ARG A 154 -22.93 1.26 4.00
CA ARG A 154 -22.48 2.04 5.14
C ARG A 154 -21.82 3.33 4.70
N CYS A 155 -20.86 3.21 3.80
CA CYS A 155 -20.22 4.35 3.16
C CYS A 155 -21.20 5.40 2.75
N VAL A 156 -21.94 5.12 1.68
CA VAL A 156 -22.91 6.07 1.14
C VAL A 156 -23.86 6.57 2.21
N ASP A 157 -24.17 5.74 3.20
CA ASP A 157 -24.99 6.19 4.31
C ASP A 157 -24.26 7.27 5.10
N LYS A 158 -22.96 7.12 5.25
CA LYS A 158 -22.14 7.98 6.10
C LYS A 158 -21.24 8.92 5.31
N MET A 159 -21.38 8.97 3.98
CA MET A 159 -20.38 9.62 3.15
C MET A 159 -20.94 10.35 1.93
N GLY A 160 -22.09 9.97 1.41
CA GLY A 160 -22.62 10.67 0.25
C GLY A 160 -21.94 10.23 -1.03
N LYS A 161 -22.70 9.54 -1.88
CA LYS A 161 -22.15 8.98 -3.10
C LYS A 161 -21.41 10.02 -3.92
N ASN A 162 -21.88 11.27 -3.89
CA ASN A 162 -21.24 12.31 -4.68
C ASN A 162 -19.74 12.38 -4.37
N PHE A 163 -19.42 12.47 -3.09
CA PHE A 163 -18.03 12.57 -2.69
C PHE A 163 -17.20 11.45 -3.28
N LEU A 164 -17.72 10.23 -3.21
CA LEU A 164 -16.90 9.06 -3.50
C LEU A 164 -16.46 8.99 -4.95
N ALA A 165 -17.20 9.61 -5.86
CA ALA A 165 -16.73 9.68 -7.24
C ALA A 165 -15.41 10.41 -7.32
N HIS A 166 -15.35 11.59 -6.74
CA HIS A 166 -14.25 12.50 -7.03
C HIS A 166 -13.02 12.22 -6.20
N VAL A 167 -12.96 11.10 -5.50
CA VAL A 167 -11.80 10.84 -4.66
C VAL A 167 -10.73 10.08 -5.43
N GLY A 168 -10.94 9.91 -6.73
CA GLY A 168 -9.94 9.28 -7.55
C GLY A 168 -8.64 10.07 -7.56
N THR A 169 -7.54 9.34 -7.79
CA THR A 169 -6.24 10.00 -7.89
C THR A 169 -6.28 11.12 -8.92
N VAL A 170 -7.18 11.02 -9.90
CA VAL A 170 -7.29 12.08 -10.89
C VAL A 170 -7.48 13.43 -10.20
N ASN A 171 -8.40 13.47 -9.22
CA ASN A 171 -8.58 14.72 -8.48
C ASN A 171 -7.44 14.97 -7.52
N VAL A 172 -6.88 13.91 -6.94
CA VAL A 172 -5.75 14.07 -6.05
C VAL A 172 -4.63 14.82 -6.73
N ALA A 173 -4.38 14.52 -8.00
CA ALA A 173 -3.32 15.21 -8.73
C ALA A 173 -3.58 16.71 -8.77
N LYS A 174 -4.80 17.09 -9.14
CA LYS A 174 -5.13 18.51 -9.16
C LYS A 174 -4.86 19.14 -7.80
N ASP A 175 -5.15 18.42 -6.72
CA ASP A 175 -4.84 18.91 -5.38
C ASP A 175 -3.35 19.07 -5.19
N LEU A 176 -2.59 18.03 -5.54
CA LEU A 176 -1.15 18.09 -5.42
C LEU A 176 -0.60 19.31 -6.13
N ASP A 177 -1.23 19.69 -7.24
CA ASP A 177 -0.81 20.91 -7.93
C ASP A 177 -1.09 22.12 -7.05
N ALA A 178 -2.31 22.24 -6.55
CA ALA A 178 -2.66 23.32 -5.63
C ALA A 178 -1.74 23.35 -4.42
N ILE A 179 -1.24 22.19 -4.01
CA ILE A 179 -0.31 22.11 -2.89
C ILE A 179 0.98 22.86 -3.22
N ARG A 180 1.60 22.50 -4.35
CA ARG A 180 2.86 23.13 -4.76
C ARG A 180 2.72 24.64 -4.76
N ALA A 181 1.63 25.13 -5.35
CA ALA A 181 1.37 26.56 -5.35
C ALA A 181 1.35 27.09 -3.93
N ALA A 182 0.65 26.41 -3.04
CA ALA A 182 0.57 26.81 -1.64
C ALA A 182 1.95 26.86 -0.98
N LEU A 183 2.93 26.22 -1.58
CA LEU A 183 4.29 26.13 -1.05
C LEU A 183 5.23 27.16 -1.64
N GLY A 184 4.78 27.95 -2.62
CA GLY A 184 5.68 28.87 -3.27
C GLY A 184 6.75 28.23 -4.12
N ASP A 185 6.68 26.91 -4.31
CA ASP A 185 7.48 26.25 -5.31
C ASP A 185 6.88 26.53 -6.68
N ASP A 186 7.76 26.72 -7.66
CA ASP A 186 7.31 26.84 -9.04
C ASP A 186 7.33 25.50 -9.74
N LYS A 187 8.31 24.67 -9.47
CA LYS A 187 8.30 23.29 -9.92
C LYS A 187 8.38 22.37 -8.72
N LEU A 188 7.92 21.15 -8.92
CA LEU A 188 7.69 20.21 -7.83
C LEU A 188 8.87 19.27 -7.64
N THR A 189 9.16 18.94 -6.39
CA THR A 189 10.14 17.93 -6.04
C THR A 189 9.42 16.83 -5.27
N TYR A 190 9.48 15.60 -5.78
CA TYR A 190 8.56 14.59 -5.31
C TYR A 190 9.19 13.22 -5.15
N LEU A 191 8.71 12.51 -4.15
CA LEU A 191 9.12 11.15 -3.86
C LEU A 191 7.88 10.35 -3.50
N GLY A 192 7.58 9.33 -4.29
CA GLY A 192 6.38 8.55 -4.07
C GLY A 192 6.64 7.08 -3.85
N TYR A 193 6.03 6.52 -2.81
CA TYR A 193 6.16 5.10 -2.48
C TYR A 193 4.88 4.36 -2.88
N SER A 194 5.05 3.30 -3.67
CA SER A 194 4.01 2.31 -3.92
C SER A 194 2.84 2.99 -4.63
N TYR A 195 1.67 3.09 -4.02
CA TYR A 195 0.60 3.86 -4.63
C TYR A 195 1.04 5.29 -4.91
N GLY A 196 1.93 5.83 -4.10
CA GLY A 196 2.47 7.15 -4.35
C GLY A 196 3.01 7.27 -5.75
N THR A 197 3.46 6.16 -6.33
CA THR A 197 3.98 6.23 -7.69
C THR A 197 2.85 6.39 -8.70
N ARG A 198 1.72 5.72 -8.48
CA ARG A 198 0.56 5.97 -9.31
C ARG A 198 0.09 7.41 -9.16
N ILE A 199 0.26 7.99 -7.98
CA ILE A 199 0.01 9.41 -7.84
C ILE A 199 0.99 10.20 -8.68
N GLY A 200 2.28 9.90 -8.51
CA GLY A 200 3.30 10.61 -9.27
C GLY A 200 2.99 10.63 -10.75
N SER A 201 2.66 9.47 -11.32
CA SER A 201 2.39 9.40 -12.75
C SER A 201 1.21 10.29 -13.13
N ALA A 202 0.19 10.31 -12.30
CA ALA A 202 -0.98 11.14 -12.55
C ALA A 202 -0.54 12.57 -12.77
N TYR A 203 -0.03 13.18 -11.71
CA TYR A 203 0.46 14.55 -11.79
C TYR A 203 1.44 14.71 -12.92
N ALA A 204 2.23 13.67 -13.19
CA ALA A 204 3.21 13.75 -14.26
C ALA A 204 2.54 13.95 -15.59
N GLU A 205 1.60 13.07 -15.93
CA GLU A 205 0.78 13.30 -17.09
C GLU A 205 0.05 14.63 -17.02
N GLU A 206 -0.12 15.17 -15.82
CA GLU A 206 -0.94 16.37 -15.66
C GLU A 206 -0.15 17.66 -15.80
N PHE A 207 0.90 17.83 -15.02
CA PHE A 207 1.70 19.05 -15.01
C PHE A 207 3.16 18.71 -15.27
N PRO A 208 3.47 18.12 -16.42
CA PRO A 208 4.86 17.76 -16.69
C PRO A 208 5.81 18.94 -16.59
N GLN A 209 5.29 20.13 -16.85
CA GLN A 209 6.09 21.33 -16.76
C GLN A 209 6.25 21.78 -15.32
N ARG A 210 5.26 21.53 -14.48
CA ARG A 210 5.34 21.86 -13.05
C ARG A 210 6.09 20.80 -12.27
N VAL A 211 7.10 20.17 -12.87
CA VAL A 211 7.84 19.09 -12.24
C VAL A 211 9.31 19.46 -12.28
N ARG A 212 9.88 19.73 -11.11
CA ARG A 212 11.33 19.91 -11.07
C ARG A 212 12.03 18.57 -11.18
N ALA A 213 11.92 17.74 -10.15
CA ALA A 213 12.49 16.41 -10.17
C ALA A 213 11.50 15.45 -9.52
N MET A 214 11.77 14.15 -9.66
CA MET A 214 10.81 13.17 -9.19
C MET A 214 11.47 11.83 -9.05
N ILE A 215 11.12 11.14 -7.98
CA ILE A 215 11.56 9.77 -7.76
C ILE A 215 10.36 8.98 -7.31
N LEU A 216 10.25 7.78 -7.85
CA LEU A 216 9.15 6.86 -7.59
C LEU A 216 9.75 5.55 -7.11
N ASP A 217 9.23 5.05 -6.01
CA ASP A 217 9.76 3.84 -5.40
C ASP A 217 8.62 2.85 -5.23
N GLY A 218 8.83 1.62 -5.69
CA GLY A 218 7.76 0.64 -5.69
C GLY A 218 6.69 0.99 -6.69
N ALA A 219 6.94 0.65 -7.96
CA ALA A 219 6.21 1.28 -9.06
C ALA A 219 4.85 0.61 -9.30
N VAL A 220 3.93 1.41 -9.84
CA VAL A 220 2.58 0.97 -10.21
C VAL A 220 2.33 1.39 -11.66
N ASP A 221 1.92 0.42 -12.49
CA ASP A 221 1.79 0.55 -13.93
C ASP A 221 0.33 0.74 -14.31
N PRO A 222 -0.10 1.94 -14.73
CA PRO A 222 -1.52 2.10 -15.10
C PRO A 222 -1.95 1.33 -16.34
N ASN A 223 -1.02 1.05 -17.26
CA ASN A 223 -1.40 0.35 -18.49
C ASN A 223 -1.80 -1.10 -18.26
N ALA A 224 -1.43 -1.67 -17.12
CA ALA A 224 -1.49 -3.12 -16.94
C ALA A 224 -2.91 -3.61 -16.77
N ASP A 225 -3.13 -4.86 -17.17
CA ASP A 225 -4.43 -5.48 -16.94
C ASP A 225 -4.60 -5.79 -15.45
N PRO A 226 -5.70 -5.35 -14.83
CA PRO A 226 -5.83 -5.49 -13.37
C PRO A 226 -5.82 -6.91 -12.86
N ILE A 227 -5.95 -7.91 -13.72
CA ILE A 227 -5.98 -9.29 -13.22
C ILE A 227 -4.59 -9.91 -13.27
N GLU A 228 -3.95 -9.83 -14.44
CA GLU A 228 -2.55 -10.18 -14.56
C GLU A 228 -1.75 -9.59 -13.43
N ALA A 229 -2.00 -8.32 -13.12
CA ALA A 229 -1.30 -7.64 -12.05
C ALA A 229 -1.39 -8.42 -10.74
N GLU A 230 -2.61 -8.75 -10.33
CA GLU A 230 -2.78 -9.43 -9.05
C GLU A 230 -2.03 -10.75 -9.03
N LEU A 231 -1.95 -11.42 -10.17
CA LEU A 231 -1.22 -12.67 -10.20
C LEU A 231 0.28 -12.43 -10.14
N ARG A 232 0.76 -11.34 -10.74
CA ARG A 232 2.12 -10.92 -10.51
C ARG A 232 2.39 -10.76 -9.02
N GLN A 233 1.44 -10.16 -8.30
CA GLN A 233 1.59 -9.96 -6.86
C GLN A 233 1.54 -11.28 -6.12
N ALA A 234 0.71 -12.22 -6.58
CA ALA A 234 0.68 -13.55 -6.00
C ALA A 234 2.05 -14.20 -6.05
N LYS A 235 2.58 -14.38 -7.26
CA LYS A 235 3.91 -14.93 -7.40
C LYS A 235 4.92 -14.11 -6.63
N GLY A 236 4.69 -12.80 -6.55
CA GLY A 236 5.63 -11.94 -5.84
C GLY A 236 5.72 -12.27 -4.38
N PHE A 237 4.59 -12.66 -3.79
CA PHE A 237 4.61 -12.99 -2.36
C PHE A 237 5.08 -14.41 -2.12
N GLN A 238 4.70 -15.35 -2.99
CA GLN A 238 5.23 -16.70 -2.86
C GLN A 238 6.75 -16.70 -3.04
N ASP A 239 7.26 -15.89 -3.97
CA ASP A 239 8.70 -15.75 -4.09
C ASP A 239 9.31 -15.26 -2.80
N ALA A 240 8.74 -14.19 -2.25
CA ALA A 240 9.19 -13.70 -0.96
C ALA A 240 9.12 -14.80 0.09
N PHE A 241 8.01 -15.54 0.13
CA PHE A 241 7.87 -16.63 1.07
C PHE A 241 8.99 -17.65 0.87
N ASN A 242 9.25 -18.01 -0.38
CA ASN A 242 10.35 -18.93 -0.65
C ASN A 242 11.63 -18.41 -0.05
N ASN A 243 11.84 -17.10 -0.10
CA ASN A 243 13.11 -16.53 0.30
C ASN A 243 13.23 -16.39 1.82
N TYR A 244 12.12 -16.11 2.50
CA TYR A 244 12.11 -16.15 3.95
C TYR A 244 12.44 -17.54 4.47
N ALA A 245 11.66 -18.53 4.03
CA ALA A 245 11.85 -19.89 4.52
C ALA A 245 13.24 -20.42 4.17
N ALA A 246 13.81 -19.98 3.06
CA ALA A 246 15.17 -20.39 2.72
C ALA A 246 16.16 -19.87 3.75
N ASP A 247 15.97 -18.62 4.19
CA ASP A 247 16.80 -18.10 5.26
C ASP A 247 16.52 -18.80 6.58
N CYS A 248 15.26 -18.79 7.02
CA CYS A 248 14.91 -19.42 8.30
C CYS A 248 15.41 -20.85 8.38
N ALA A 249 15.32 -21.60 7.28
CA ALA A 249 15.73 -22.99 7.29
C ALA A 249 17.22 -23.14 7.49
N LYS A 250 18.00 -22.12 7.14
CA LYS A 250 19.41 -22.10 7.53
C LYS A 250 19.57 -21.80 9.01
N ASN A 251 18.68 -20.98 9.57
CA ASN A 251 18.73 -20.60 10.96
C ASN A 251 18.48 -21.79 11.88
N ALA A 252 18.85 -21.60 13.15
CA ALA A 252 18.65 -22.62 14.16
C ALA A 252 17.17 -22.81 14.46
N GLY A 253 16.72 -24.06 14.45
CA GLY A 253 15.38 -24.39 14.87
C GLY A 253 14.25 -23.76 14.07
N CYS A 254 14.42 -23.67 12.75
CA CYS A 254 13.39 -23.10 11.91
C CYS A 254 12.05 -23.77 12.20
N PRO A 255 11.03 -23.00 12.59
CA PRO A 255 9.72 -23.61 12.85
C PRO A 255 9.07 -24.18 11.59
N LEU A 256 9.62 -23.92 10.40
CA LEU A 256 9.20 -24.58 9.18
C LEU A 256 10.14 -25.72 8.83
N GLY A 257 10.92 -26.18 9.78
CA GLY A 257 11.95 -27.14 9.49
C GLY A 257 13.08 -26.51 8.71
N ALA A 258 14.21 -27.21 8.67
CA ALA A 258 15.35 -26.82 7.85
C ALA A 258 15.18 -27.20 6.40
N ASP A 259 14.08 -27.88 6.05
CA ASP A 259 13.78 -28.21 4.67
C ASP A 259 12.96 -27.09 4.04
N PRO A 260 13.58 -26.20 3.28
CA PRO A 260 12.81 -25.11 2.66
C PRO A 260 11.85 -25.62 1.60
N ALA A 261 12.10 -26.79 1.03
CA ALA A 261 11.18 -27.36 0.08
C ALA A 261 9.83 -27.53 0.77
N LYS A 262 9.78 -28.42 1.75
CA LYS A 262 8.57 -28.78 2.49
C LYS A 262 8.00 -27.62 3.33
N ALA A 263 8.45 -26.40 3.12
CA ALA A 263 8.10 -25.30 4.01
C ALA A 263 6.61 -25.01 3.96
N VAL A 264 6.09 -24.68 2.77
CA VAL A 264 4.67 -24.36 2.63
C VAL A 264 3.81 -25.43 3.28
N GLU A 265 4.21 -26.68 3.11
CA GLU A 265 3.54 -27.76 3.80
C GLU A 265 3.53 -27.54 5.29
N VAL A 266 4.72 -27.51 5.89
CA VAL A 266 4.82 -27.23 7.31
C VAL A 266 4.02 -25.99 7.67
N TYR A 267 4.13 -24.97 6.84
CA TYR A 267 3.30 -23.77 7.00
C TYR A 267 1.85 -24.15 7.15
N HIS A 268 1.33 -24.88 6.18
CA HIS A 268 -0.06 -25.33 6.23
C HIS A 268 -0.29 -26.23 7.43
N SER A 269 0.69 -27.07 7.77
CA SER A 269 0.55 -27.88 8.98
C SER A 269 0.38 -27.00 10.20
N LEU A 270 0.87 -25.77 10.14
CA LEU A 270 0.75 -24.86 11.26
C LEU A 270 -0.47 -23.96 11.16
N VAL A 271 -0.94 -23.65 9.96
CA VAL A 271 -2.05 -22.72 9.80
C VAL A 271 -3.40 -23.40 9.53
N ASP A 272 -3.43 -24.58 8.92
CA ASP A 272 -4.73 -25.18 8.60
C ASP A 272 -5.60 -25.47 9.81
N PRO A 273 -5.08 -25.91 10.97
CA PRO A 273 -5.98 -26.21 12.10
C PRO A 273 -6.67 -24.99 12.71
N LEU A 274 -6.38 -23.78 12.23
CA LEU A 274 -7.15 -22.59 12.63
C LEU A 274 -8.50 -22.56 12.03
N VAL A 275 -8.80 -23.67 11.37
CA VAL A 275 -10.03 -23.86 10.64
C VAL A 275 -10.52 -25.27 10.90
N ASP A 276 -11.78 -25.39 11.29
CA ASP A 276 -12.38 -26.70 11.49
C ASP A 276 -12.43 -27.45 10.16
N PRO A 277 -11.78 -28.60 10.03
CA PRO A 277 -11.71 -29.30 8.73
C PRO A 277 -13.04 -29.94 8.31
N ASP A 278 -14.12 -29.67 9.05
CA ASP A 278 -15.42 -30.24 8.73
C ASP A 278 -16.52 -29.20 8.57
N ASN A 279 -16.24 -27.94 8.87
CA ASN A 279 -17.13 -26.84 8.55
C ASN A 279 -16.28 -25.61 8.26
N PRO A 280 -16.22 -25.15 7.02
CA PRO A 280 -15.27 -24.08 6.67
C PRO A 280 -15.66 -22.71 7.17
N ARG A 281 -16.81 -22.55 7.83
CA ARG A 281 -17.20 -21.27 8.40
C ARG A 281 -16.75 -21.11 9.85
N ILE A 282 -16.21 -22.16 10.47
CA ILE A 282 -15.90 -22.20 11.90
C ILE A 282 -14.41 -21.92 12.10
N SER A 283 -14.08 -20.83 12.79
CA SER A 283 -12.69 -20.50 13.08
C SER A 283 -12.31 -21.10 14.43
N ARG A 284 -11.18 -21.82 14.46
CA ARG A 284 -10.63 -22.37 15.69
C ARG A 284 -9.36 -21.60 16.01
N PRO A 285 -9.46 -20.46 16.70
CA PRO A 285 -8.32 -19.53 16.77
C PRO A 285 -7.28 -19.87 17.84
N ALA A 286 -6.03 -19.49 17.56
CA ALA A 286 -4.93 -19.82 18.46
C ALA A 286 -4.98 -18.96 19.71
N ARG A 287 -4.59 -19.54 20.85
CA ARG A 287 -4.61 -18.80 22.09
C ARG A 287 -3.72 -17.57 22.01
N THR A 288 -4.23 -16.45 22.51
CA THR A 288 -3.42 -15.25 22.69
C THR A 288 -3.78 -14.60 24.01
N LYS A 289 -2.79 -13.94 24.61
CA LYS A 289 -3.09 -13.04 25.71
C LYS A 289 -4.18 -12.07 25.29
N ASP A 290 -4.04 -11.49 24.11
CA ASP A 290 -5.11 -10.66 23.58
C ASP A 290 -6.39 -11.48 23.52
N PRO A 291 -7.54 -10.89 23.87
CA PRO A 291 -8.78 -11.68 23.94
C PRO A 291 -9.24 -12.28 22.61
N ARG A 292 -8.55 -12.02 21.51
CA ARG A 292 -9.11 -12.35 20.21
C ARG A 292 -8.68 -13.70 19.68
N GLY A 293 -7.65 -14.29 20.24
CA GLY A 293 -7.07 -15.42 19.55
C GLY A 293 -6.63 -15.00 18.15
N LEU A 294 -6.48 -16.00 17.29
CA LEU A 294 -5.98 -15.79 15.93
C LEU A 294 -6.86 -16.51 14.90
N SER A 295 -7.61 -15.74 14.10
CA SER A 295 -8.31 -16.33 12.97
C SER A 295 -7.34 -16.76 11.89
N TYR A 296 -7.78 -17.70 11.06
CA TYR A 296 -7.00 -18.03 9.86
C TYR A 296 -6.75 -16.79 9.03
N SER A 297 -7.79 -15.98 8.82
CA SER A 297 -7.62 -14.77 8.04
C SER A 297 -6.42 -14.01 8.55
N ASP A 298 -6.37 -13.78 9.85
CA ASP A 298 -5.31 -12.97 10.40
C ASP A 298 -3.97 -13.69 10.40
N ALA A 299 -3.98 -15.01 10.55
CA ALA A 299 -2.73 -15.76 10.42
C ALA A 299 -2.07 -15.43 9.11
N ILE A 300 -2.86 -15.33 8.05
CA ILE A 300 -2.32 -15.03 6.73
C ILE A 300 -1.92 -13.57 6.64
N VAL A 301 -2.74 -12.66 7.19
CA VAL A 301 -2.47 -11.24 7.06
C VAL A 301 -1.13 -10.88 7.69
N GLY A 302 -0.87 -11.39 8.89
CA GLY A 302 0.40 -11.13 9.52
C GLY A 302 1.58 -11.61 8.70
N THR A 303 1.39 -12.71 7.97
CA THR A 303 2.44 -13.22 7.09
C THR A 303 2.75 -12.22 5.98
N ILE A 304 1.72 -11.83 5.24
CA ILE A 304 1.92 -10.83 4.19
C ILE A 304 2.66 -9.64 4.77
N MET A 305 2.20 -9.20 5.94
CA MET A 305 2.85 -8.12 6.65
C MET A 305 4.36 -8.30 6.67
N ALA A 306 4.81 -9.36 7.36
CA ALA A 306 6.23 -9.58 7.53
C ALA A 306 6.95 -9.83 6.22
N LEU A 307 6.23 -10.19 5.16
CA LEU A 307 6.87 -10.39 3.87
C LEU A 307 7.23 -9.07 3.21
N TYR A 308 6.64 -7.97 3.68
CA TYR A 308 6.91 -6.68 3.08
C TYR A 308 8.36 -6.28 3.26
N SER A 309 8.93 -6.59 4.40
CA SER A 309 10.30 -6.20 4.64
C SER A 309 10.96 -7.31 5.43
N PRO A 310 12.26 -7.55 5.20
CA PRO A 310 12.98 -8.52 6.02
C PRO A 310 13.13 -8.11 7.46
N ASN A 311 12.93 -6.82 7.79
CA ASN A 311 12.92 -6.38 9.18
C ASN A 311 11.95 -7.20 10.03
N LEU A 312 10.91 -7.76 9.41
CA LEU A 312 9.81 -8.39 10.14
C LEU A 312 9.88 -9.90 10.11
N TRP A 313 10.99 -10.47 9.67
CA TRP A 313 11.08 -11.91 9.50
C TRP A 313 11.32 -12.65 10.80
N GLN A 314 12.03 -12.01 11.73
CA GLN A 314 12.15 -12.61 13.05
C GLN A 314 10.81 -12.61 13.74
N HIS A 315 10.10 -11.49 13.64
CA HIS A 315 8.70 -11.48 14.02
C HIS A 315 7.98 -12.68 13.45
N LEU A 316 8.25 -13.00 12.19
CA LEU A 316 7.63 -14.18 11.61
C LEU A 316 8.03 -15.43 12.38
N THR A 317 9.34 -15.70 12.42
CA THR A 317 9.83 -16.91 13.08
C THR A 317 9.25 -17.08 14.46
N ASP A 318 9.10 -15.98 15.20
CA ASP A 318 8.33 -15.95 16.44
C ASP A 318 6.94 -16.54 16.28
N GLY A 319 6.05 -15.81 15.61
CA GLY A 319 4.64 -16.19 15.55
C GLY A 319 4.41 -17.61 15.07
N LEU A 320 5.32 -18.13 14.26
CA LEU A 320 5.24 -19.52 13.81
C LEU A 320 5.47 -20.47 14.96
N SER A 321 6.65 -20.36 15.56
CA SER A 321 6.95 -21.09 16.78
C SER A 321 5.83 -20.97 17.79
N GLU A 322 5.15 -19.83 17.81
CA GLU A 322 3.91 -19.72 18.55
C GLU A 322 2.89 -20.73 18.07
N LEU A 323 2.51 -20.65 16.81
CA LEU A 323 1.53 -21.59 16.28
C LEU A 323 1.96 -23.02 16.52
N VAL A 324 3.27 -23.28 16.43
CA VAL A 324 3.77 -24.61 16.74
C VAL A 324 3.28 -25.05 18.10
N ASP A 325 3.44 -24.16 19.08
CA ASP A 325 2.93 -24.38 20.42
C ASP A 325 1.46 -24.00 20.56
N ASN A 326 0.78 -23.68 19.47
CA ASN A 326 -0.56 -23.13 19.54
C ASN A 326 -0.56 -21.87 20.39
N ARG A 327 -0.07 -20.78 19.84
CA ARG A 327 -0.31 -19.43 20.31
C ARG A 327 -0.14 -18.56 19.07
N GLY A 328 -0.70 -17.37 19.10
CA GLY A 328 -0.63 -16.62 17.87
C GLY A 328 -0.34 -15.17 18.10
N ASP A 329 0.16 -14.85 19.30
CA ASP A 329 0.23 -13.46 19.72
C ASP A 329 1.05 -12.61 18.74
N THR A 330 2.22 -13.10 18.33
CA THR A 330 3.01 -12.36 17.36
C THR A 330 2.28 -12.18 16.05
N LEU A 331 1.85 -13.28 15.45
CA LEU A 331 1.11 -13.15 14.20
C LEU A 331 -0.07 -12.21 14.36
N LEU A 332 -0.64 -12.14 15.57
CA LEU A 332 -1.75 -11.24 15.81
C LEU A 332 -1.31 -9.79 15.74
N ALA A 333 -0.09 -9.49 16.16
CA ALA A 333 0.36 -8.10 16.10
C ALA A 333 0.68 -7.70 14.66
N LEU A 334 1.23 -8.61 13.86
CA LEU A 334 1.57 -8.27 12.49
C LEU A 334 0.33 -7.89 11.71
N ALA A 335 -0.74 -8.67 11.87
CA ALA A 335 -1.99 -8.32 11.22
C ALA A 335 -2.43 -6.91 11.59
N ASP A 336 -2.40 -6.58 12.89
CA ASP A 336 -2.77 -5.23 13.31
C ASP A 336 -1.90 -4.19 12.64
N MET A 337 -0.60 -4.43 12.58
CA MET A 337 0.26 -3.46 11.95
C MET A 337 -0.13 -3.26 10.49
N TYR A 338 -0.51 -4.35 9.84
CA TYR A 338 -1.05 -4.21 8.49
C TYR A 338 -2.32 -3.40 8.50
N MET A 339 -3.24 -3.71 9.42
CA MET A 339 -4.53 -3.05 9.48
C MET A 339 -4.48 -1.68 10.12
N ARG A 340 -3.38 -1.35 10.77
CA ARG A 340 -3.28 -0.17 11.63
C ARG A 340 -4.50 -0.09 12.56
N ARG A 341 -4.52 -1.07 13.47
CA ARG A 341 -5.48 -1.16 14.56
C ARG A 341 -4.70 -1.00 15.87
N ASP A 342 -4.91 0.11 16.57
CA ASP A 342 -4.00 0.53 17.63
C ASP A 342 -4.16 -0.34 18.87
N SER A 343 -3.34 -0.03 19.88
CA SER A 343 -3.39 -0.72 21.17
C SER A 343 -4.80 -0.76 21.72
N HIS A 344 -5.49 0.36 21.69
CA HIS A 344 -6.84 0.43 22.23
C HIS A 344 -7.88 -0.17 21.31
N GLY A 345 -7.47 -0.78 20.19
CA GLY A 345 -8.42 -1.37 19.28
C GLY A 345 -9.05 -0.43 18.28
N ARG A 346 -8.64 0.82 18.23
CA ARG A 346 -9.15 1.73 17.21
C ARG A 346 -8.34 1.56 15.92
N TYR A 347 -9.05 1.47 14.81
CA TYR A 347 -8.41 1.50 13.51
C TYR A 347 -8.31 2.93 13.03
N ASN A 348 -7.33 3.21 12.18
CA ASN A 348 -7.46 4.37 11.33
C ASN A 348 -8.15 3.96 10.03
N ASN A 349 -8.68 4.96 9.31
CA ASN A 349 -9.55 4.66 8.17
C ASN A 349 -8.83 4.08 6.98
N SER A 350 -7.51 3.84 7.07
CA SER A 350 -6.74 3.38 5.91
C SER A 350 -7.38 2.17 5.24
N GLY A 351 -8.06 1.31 5.99
CA GLY A 351 -8.75 0.21 5.36
C GLY A 351 -9.87 0.69 4.47
N ASP A 352 -10.75 1.52 5.02
CA ASP A 352 -11.84 2.06 4.21
C ASP A 352 -11.29 2.84 3.03
N ALA A 353 -10.33 3.72 3.30
CA ALA A 353 -9.77 4.57 2.26
C ALA A 353 -9.27 3.75 1.08
N ARG A 354 -8.43 2.75 1.35
CA ARG A 354 -7.86 1.90 0.32
C ARG A 354 -8.90 1.56 -0.74
N VAL A 355 -10.05 1.09 -0.29
CA VAL A 355 -11.02 0.53 -1.22
C VAL A 355 -11.66 1.63 -2.06
N ALA A 356 -12.11 2.70 -1.40
CA ALA A 356 -12.79 3.76 -2.12
C ALA A 356 -11.98 4.25 -3.31
N ILE A 357 -10.68 4.42 -3.10
CA ILE A 357 -9.84 4.97 -4.15
C ILE A 357 -9.59 3.95 -5.23
N ASN A 358 -9.33 2.70 -4.84
CA ASN A 358 -9.13 1.66 -5.83
C ASN A 358 -10.26 1.65 -6.84
N CYS A 359 -11.48 1.85 -6.38
CA CYS A 359 -12.64 1.58 -7.23
C CYS A 359 -12.88 2.69 -8.23
N VAL A 360 -12.60 3.92 -7.83
CA VAL A 360 -12.67 4.99 -8.82
C VAL A 360 -11.46 4.95 -9.71
N ASP A 361 -10.31 4.52 -9.20
CA ASP A 361 -9.11 4.69 -9.99
C ASP A 361 -9.13 3.90 -11.28
N GLN A 362 -9.92 2.84 -11.35
CA GLN A 362 -9.93 2.01 -12.56
C GLN A 362 -11.17 1.14 -12.52
N PRO A 363 -11.61 0.65 -13.69
CA PRO A 363 -12.88 -0.08 -13.75
C PRO A 363 -12.76 -1.47 -13.16
N PRO A 364 -13.73 -1.87 -12.34
CA PRO A 364 -13.66 -3.17 -11.66
C PRO A 364 -13.81 -4.31 -12.65
N VAL A 365 -13.57 -5.52 -12.13
CA VAL A 365 -13.66 -6.75 -12.93
C VAL A 365 -15.09 -7.26 -12.80
N THR A 366 -15.94 -6.88 -13.75
CA THR A 366 -17.35 -7.24 -13.69
C THR A 366 -17.57 -8.74 -13.94
N ASP A 367 -16.83 -9.31 -14.89
CA ASP A 367 -17.02 -10.70 -15.29
C ASP A 367 -16.73 -11.66 -14.14
N ARG A 368 -17.68 -12.56 -13.90
CA ARG A 368 -17.50 -13.56 -12.86
C ARG A 368 -16.47 -14.60 -13.27
N ASP A 369 -16.63 -15.17 -14.47
CA ASP A 369 -15.75 -16.23 -14.95
C ASP A 369 -14.31 -15.91 -14.69
N LYS A 370 -13.91 -14.68 -15.05
CA LYS A 370 -12.50 -14.32 -15.03
C LYS A 370 -11.97 -14.23 -13.60
N VAL A 371 -12.83 -13.89 -12.63
CA VAL A 371 -12.42 -13.96 -11.23
C VAL A 371 -12.25 -15.40 -10.79
N ILE A 372 -13.23 -16.24 -11.09
CA ILE A 372 -13.13 -17.66 -10.77
C ILE A 372 -11.88 -18.26 -11.35
N ASP A 373 -11.53 -17.89 -12.58
CA ASP A 373 -10.32 -18.44 -13.17
C ASP A 373 -9.08 -17.88 -12.50
N GLU A 374 -9.06 -16.57 -12.25
CA GLU A 374 -7.97 -15.99 -11.48
C GLU A 374 -7.74 -16.76 -10.21
N ASP A 375 -8.81 -17.08 -9.50
CA ASP A 375 -8.74 -17.96 -8.33
C ASP A 375 -7.98 -19.22 -8.71
N ARG A 376 -8.56 -20.03 -9.60
CA ARG A 376 -7.96 -21.29 -10.04
C ARG A 376 -6.46 -21.18 -10.23
N ARG A 377 -6.02 -20.16 -10.97
CA ARG A 377 -4.61 -19.98 -11.23
C ARG A 377 -3.87 -19.62 -9.94
N ALA A 378 -4.29 -18.54 -9.28
CA ALA A 378 -3.58 -18.02 -8.11
C ALA A 378 -3.29 -19.11 -7.09
N ARG A 379 -4.26 -20.00 -6.86
CA ARG A 379 -4.03 -21.12 -5.95
C ARG A 379 -2.74 -21.85 -6.30
N GLU A 380 -2.52 -22.09 -7.59
CA GLU A 380 -1.28 -22.73 -8.02
C GLU A 380 -0.11 -21.78 -7.89
N ILE A 381 -0.34 -20.51 -8.17
CA ILE A 381 0.77 -19.56 -8.21
C ILE A 381 1.28 -19.27 -6.81
N ALA A 382 0.40 -19.33 -5.81
CA ALA A 382 0.71 -18.92 -4.44
C ALA A 382 0.05 -19.89 -3.48
N PRO A 383 0.48 -21.14 -3.47
CA PRO A 383 -0.26 -22.15 -2.69
C PRO A 383 -0.24 -21.91 -1.20
N PHE A 384 0.77 -21.23 -0.66
CA PHE A 384 0.79 -21.00 0.78
C PHE A 384 -0.40 -20.17 1.23
N MET A 385 -0.84 -19.24 0.39
CA MET A 385 -1.99 -18.41 0.71
C MET A 385 -3.31 -19.15 0.55
N SER A 386 -3.41 -20.07 -0.39
CA SER A 386 -4.69 -20.65 -0.74
C SER A 386 -5.01 -21.83 0.15
N TYR A 387 -6.25 -21.86 0.65
CA TYR A 387 -6.66 -22.83 1.66
C TYR A 387 -7.31 -24.04 1.03
N GLY A 388 -6.84 -25.23 1.40
CA GLY A 388 -7.53 -26.45 1.05
C GLY A 388 -7.73 -26.57 -0.45
N LYS A 389 -8.98 -26.69 -0.87
CA LYS A 389 -9.33 -27.12 -2.22
C LYS A 389 -9.94 -25.99 -3.04
N PHE A 390 -9.59 -25.95 -4.33
CA PHE A 390 -10.25 -25.05 -5.26
C PHE A 390 -11.70 -25.48 -5.46
N THR A 391 -12.63 -24.60 -5.10
CA THR A 391 -14.04 -24.98 -5.14
C THR A 391 -14.54 -25.13 -6.57
N GLY A 392 -14.15 -24.21 -7.44
CA GLY A 392 -14.86 -23.98 -8.69
C GLY A 392 -15.50 -22.60 -8.72
N ASP A 393 -15.30 -21.82 -7.67
CA ASP A 393 -16.00 -20.55 -7.51
C ASP A 393 -15.11 -19.60 -6.74
N ALA A 394 -15.22 -18.32 -7.05
CA ALA A 394 -14.56 -17.26 -6.33
C ALA A 394 -15.50 -16.08 -6.25
N PRO A 395 -15.41 -15.29 -5.19
CA PRO A 395 -16.24 -14.09 -5.08
C PRO A 395 -15.68 -12.93 -5.87
N LEU A 396 -16.57 -12.16 -6.45
CA LEU A 396 -16.13 -10.97 -7.16
C LEU A 396 -15.50 -9.97 -6.20
N GLY A 397 -14.56 -9.18 -6.73
CA GLY A 397 -13.92 -8.16 -5.94
C GLY A 397 -14.93 -7.20 -5.33
N THR A 398 -14.49 -6.52 -4.28
CA THR A 398 -15.34 -5.54 -3.64
C THR A 398 -15.76 -4.44 -4.62
N CYS A 399 -14.82 -3.94 -5.41
CA CYS A 399 -15.11 -2.81 -6.28
C CYS A 399 -16.10 -3.17 -7.38
N ALA A 400 -16.27 -4.45 -7.69
CA ALA A 400 -17.29 -4.84 -8.65
C ALA A 400 -18.69 -4.46 -8.21
N PHE A 401 -18.86 -4.03 -6.96
CA PHE A 401 -20.12 -3.51 -6.45
C PHE A 401 -20.16 -2.00 -6.44
N TRP A 402 -19.11 -1.34 -6.91
CA TRP A 402 -18.96 0.09 -6.66
C TRP A 402 -20.02 0.88 -7.41
N PRO A 403 -20.64 1.87 -6.75
CA PRO A 403 -21.73 2.61 -7.38
C PRO A 403 -21.24 3.82 -8.18
N VAL A 404 -20.18 4.48 -7.72
CA VAL A 404 -19.60 5.58 -8.47
C VAL A 404 -18.61 4.98 -9.44
N PRO A 405 -18.55 5.48 -10.67
CA PRO A 405 -17.82 4.80 -11.72
C PRO A 405 -16.34 5.11 -11.62
N PRO A 406 -15.50 4.26 -12.18
CA PRO A 406 -14.08 4.56 -12.21
C PRO A 406 -13.86 5.93 -12.83
N THR A 407 -13.22 6.80 -12.07
CA THR A 407 -12.79 8.07 -12.61
C THR A 407 -11.59 7.96 -13.54
N SER A 408 -10.81 6.89 -13.47
CA SER A 408 -9.59 6.82 -14.27
C SER A 408 -9.49 5.49 -15.02
N GLN A 409 -8.64 5.49 -16.05
CA GLN A 409 -8.59 4.43 -17.06
C GLN A 409 -7.21 3.80 -17.14
N PRO A 410 -7.13 2.48 -17.20
CA PRO A 410 -5.83 1.80 -17.41
C PRO A 410 -5.29 2.14 -18.79
N HIS A 411 -4.11 2.74 -18.82
CA HIS A 411 -3.52 3.12 -20.09
C HIS A 411 -2.02 3.24 -19.90
N ALA A 412 -1.31 3.15 -21.01
CA ALA A 412 0.09 3.53 -20.98
C ALA A 412 0.19 5.00 -20.62
N VAL A 413 1.29 5.36 -19.96
CA VAL A 413 1.52 6.75 -19.57
C VAL A 413 2.04 7.54 -20.77
N SER A 414 1.42 8.69 -21.01
CA SER A 414 1.86 9.62 -22.04
C SER A 414 2.20 10.93 -21.34
N ALA A 415 3.48 11.11 -21.01
CA ALA A 415 4.00 12.37 -20.48
C ALA A 415 5.33 12.64 -21.19
N PRO A 416 5.33 13.46 -22.24
CA PRO A 416 6.48 13.51 -23.15
C PRO A 416 7.63 14.41 -22.72
N GLY A 417 7.33 15.65 -22.37
CA GLY A 417 8.38 16.61 -22.10
C GLY A 417 8.76 16.70 -20.65
N LEU A 418 8.94 15.55 -20.01
CA LEU A 418 9.11 15.47 -18.57
C LEU A 418 10.59 15.33 -18.22
N VAL A 419 10.99 15.96 -17.11
CA VAL A 419 12.36 15.90 -16.61
C VAL A 419 12.73 14.44 -16.42
N PRO A 420 14.00 14.06 -16.61
CA PRO A 420 14.39 12.70 -16.25
C PRO A 420 14.15 12.48 -14.78
N THR A 421 13.62 11.31 -14.46
CA THR A 421 13.27 10.98 -13.09
C THR A 421 13.84 9.63 -12.78
N VAL A 422 13.63 9.19 -11.55
CA VAL A 422 14.20 7.94 -11.09
C VAL A 422 13.04 7.07 -10.64
N VAL A 423 12.86 5.99 -11.34
CA VAL A 423 12.03 4.89 -10.87
C VAL A 423 12.95 3.94 -10.13
N VAL A 424 12.45 3.35 -9.07
CA VAL A 424 13.23 2.42 -8.27
C VAL A 424 12.35 1.22 -7.98
N SER A 425 12.82 0.03 -8.36
CA SER A 425 12.13 -1.20 -7.97
C SER A 425 13.14 -2.23 -7.48
N THR A 426 12.76 -2.93 -6.42
CA THR A 426 13.58 -3.97 -5.81
C THR A 426 13.37 -5.28 -6.56
N THR A 427 14.42 -6.07 -6.66
CA THR A 427 14.37 -7.21 -7.54
C THR A 427 13.27 -8.17 -7.14
N HIS A 428 13.16 -8.46 -5.84
CA HIS A 428 12.21 -9.44 -5.34
C HIS A 428 11.07 -8.79 -4.57
N ASP A 429 10.77 -7.55 -4.88
CA ASP A 429 9.66 -6.85 -4.28
C ASP A 429 8.40 -7.68 -4.40
N PRO A 430 7.75 -8.02 -3.30
CA PRO A 430 6.52 -8.81 -3.39
C PRO A 430 5.27 -8.00 -3.69
N ALA A 431 5.20 -6.77 -3.18
CA ALA A 431 4.04 -5.93 -3.40
C ALA A 431 4.01 -5.44 -4.85
N THR A 432 4.81 -4.41 -5.16
CA THR A 432 4.97 -3.92 -6.54
C THR A 432 6.16 -4.64 -7.17
N PRO A 433 5.93 -5.64 -8.00
CA PRO A 433 7.04 -6.44 -8.52
C PRO A 433 8.01 -5.59 -9.31
N TYR A 434 9.22 -6.14 -9.45
CA TYR A 434 10.31 -5.44 -10.10
C TYR A 434 9.96 -5.03 -11.52
N LYS A 435 9.25 -5.89 -12.24
CA LYS A 435 8.90 -5.58 -13.61
C LYS A 435 7.99 -4.38 -13.71
N ALA A 436 7.26 -4.07 -12.64
CA ALA A 436 6.47 -2.84 -12.61
C ALA A 436 7.37 -1.62 -12.79
N GLY A 437 8.42 -1.52 -11.97
CA GLY A 437 9.35 -0.43 -12.12
C GLY A 437 9.95 -0.36 -13.50
N VAL A 438 10.18 -1.54 -14.11
CA VAL A 438 10.78 -1.60 -15.45
C VAL A 438 9.92 -0.85 -16.45
N ASP A 439 8.67 -1.29 -16.59
CA ASP A 439 7.84 -0.75 -17.64
C ASP A 439 7.49 0.71 -17.37
N LEU A 440 7.25 1.05 -16.10
CA LEU A 440 6.98 2.44 -15.76
C LEU A 440 8.12 3.33 -16.21
N ALA A 441 9.35 2.96 -15.86
CA ALA A 441 10.50 3.71 -16.31
C ALA A 441 10.50 3.84 -17.83
N ASN A 442 10.33 2.71 -18.53
CA ASN A 442 10.22 2.76 -19.97
C ASN A 442 9.14 3.75 -20.40
N GLN A 443 7.95 3.60 -19.84
CA GLN A 443 6.83 4.50 -20.07
C GLN A 443 7.15 5.93 -19.68
N LEU A 444 8.26 6.15 -19.02
CA LEU A 444 8.70 7.48 -18.70
C LEU A 444 10.01 7.83 -19.37
N ARG A 445 10.62 6.91 -20.10
CA ARG A 445 11.94 7.10 -20.67
C ARG A 445 12.96 7.59 -19.64
N GLY A 446 12.70 7.34 -18.35
CA GLY A 446 13.52 7.85 -17.29
C GLY A 446 14.58 6.85 -16.83
N SER A 447 15.38 7.28 -15.85
CA SER A 447 16.44 6.45 -15.31
C SER A 447 15.91 5.55 -14.20
N LEU A 448 16.34 4.29 -14.21
CA LEU A 448 15.91 3.29 -13.26
C LEU A 448 17.01 3.00 -12.25
N LEU A 449 16.59 2.73 -11.02
CA LEU A 449 17.46 2.31 -9.94
C LEU A 449 16.98 0.96 -9.41
N THR A 450 17.88 -0.01 -9.39
CA THR A 450 17.57 -1.36 -8.95
C THR A 450 18.15 -1.61 -7.57
N PHE A 451 17.37 -2.27 -6.71
CA PHE A 451 17.87 -2.77 -5.45
C PHE A 451 17.69 -4.27 -5.44
N ASP A 452 18.77 -4.99 -5.12
CA ASP A 452 18.68 -6.43 -4.92
C ASP A 452 18.15 -6.67 -3.53
N GLY A 453 16.95 -7.22 -3.43
CA GLY A 453 16.33 -7.41 -2.16
C GLY A 453 14.92 -7.93 -2.34
N THR A 454 14.39 -8.45 -1.25
CA THR A 454 13.02 -8.94 -1.15
C THR A 454 12.23 -8.07 -0.18
N GLN A 455 12.38 -6.76 -0.30
CA GLN A 455 11.57 -5.85 0.47
C GLN A 455 10.76 -5.01 -0.50
N HIS A 456 9.67 -4.48 -0.01
CA HIS A 456 8.94 -3.46 -0.71
C HIS A 456 9.51 -2.12 -0.29
N THR A 457 9.90 -1.30 -1.27
CA THR A 457 10.58 -0.03 -1.07
C THR A 457 11.88 -0.21 -0.31
N VAL A 458 12.61 0.88 -0.07
CA VAL A 458 13.96 0.77 0.45
C VAL A 458 14.59 2.15 0.66
N VAL A 459 14.03 3.17 0.02
CA VAL A 459 14.66 4.49 0.08
C VAL A 459 14.62 5.02 1.50
N PHE A 460 15.73 5.59 1.94
CA PHE A 460 15.84 6.17 3.27
C PHE A 460 15.45 5.13 4.31
N GLN A 461 16.09 3.98 4.22
CA GLN A 461 15.81 2.90 5.14
C GLN A 461 17.12 2.24 5.55
N GLY A 462 18.15 3.07 5.73
CA GLY A 462 19.43 2.63 6.21
C GLY A 462 20.44 2.27 5.14
N ASP A 463 20.14 2.52 3.86
CA ASP A 463 21.00 2.09 2.77
C ASP A 463 21.77 3.29 2.21
N SER A 464 23.08 3.28 2.41
CA SER A 464 23.92 4.39 1.98
C SER A 464 23.88 4.57 0.48
N CYS A 465 23.96 3.48 -0.28
CA CYS A 465 24.17 3.55 -1.73
C CYS A 465 23.00 4.23 -2.42
N ILE A 466 21.79 3.73 -2.18
CA ILE A 466 20.59 4.29 -2.80
C ILE A 466 20.54 5.79 -2.58
N ASP A 467 20.66 6.19 -1.32
CA ASP A 467 20.46 7.57 -0.93
C ASP A 467 21.50 8.49 -1.55
N GLU A 468 22.71 7.97 -1.84
CA GLU A 468 23.67 8.74 -2.62
C GLU A 468 23.08 9.12 -3.97
N TYR A 469 22.71 8.12 -4.77
CA TYR A 469 22.12 8.38 -6.06
C TYR A 469 20.92 9.28 -5.92
N VAL A 470 20.09 9.02 -4.92
CA VAL A 470 18.88 9.78 -4.73
C VAL A 470 19.19 11.23 -4.48
N THR A 471 20.09 11.50 -3.53
CA THR A 471 20.50 12.86 -3.27
C THR A 471 21.15 13.47 -4.50
N ALA A 472 21.94 12.68 -5.21
CA ALA A 472 22.52 13.13 -6.46
C ALA A 472 21.43 13.63 -7.40
N TYR A 473 20.48 12.75 -7.73
CA TYR A 473 19.37 13.18 -8.57
C TYR A 473 18.57 14.29 -7.92
N LEU A 474 18.61 14.36 -6.61
CA LEU A 474 17.72 15.29 -5.92
C LEU A 474 18.23 16.70 -6.07
N ILE A 475 19.25 17.04 -5.31
CA ILE A 475 19.90 18.33 -5.44
C ILE A 475 20.53 18.38 -6.82
N GLY A 476 21.56 17.54 -7.03
CA GLY A 476 22.34 17.60 -8.26
C GLY A 476 21.55 17.33 -9.52
N GLY A 477 20.37 16.73 -9.40
CA GLY A 477 19.63 16.40 -10.61
C GLY A 477 20.27 15.31 -11.43
N THR A 478 21.21 14.55 -10.87
CA THR A 478 22.01 13.62 -11.65
C THR A 478 21.40 12.22 -11.56
N THR A 479 20.98 11.71 -12.71
CA THR A 479 20.41 10.38 -12.78
C THR A 479 21.50 9.32 -12.68
N PRO A 480 21.15 8.15 -12.19
CA PRO A 480 22.10 7.04 -12.18
C PRO A 480 22.48 6.66 -13.60
N PRO A 481 23.62 6.01 -13.78
CA PRO A 481 24.01 5.60 -15.13
C PRO A 481 22.98 4.68 -15.74
N SER A 482 23.17 4.43 -17.03
CA SER A 482 22.48 3.35 -17.69
C SER A 482 22.59 2.09 -16.85
N GLY A 483 21.44 1.59 -16.39
CA GLY A 483 21.41 0.34 -15.66
C GLY A 483 22.22 0.36 -14.38
N ALA A 484 22.11 1.43 -13.60
CA ALA A 484 22.77 1.46 -12.31
C ALA A 484 22.11 0.46 -11.36
N LYS A 485 22.95 -0.23 -10.59
CA LYS A 485 22.49 -1.24 -9.63
C LYS A 485 23.30 -1.09 -8.35
N CYS A 486 22.62 -0.84 -7.23
CA CYS A 486 23.27 -0.75 -5.92
C CYS A 486 23.00 -2.02 -5.11
C21 A1BK4 B . -1.50 -8.40 -2.38
C22 A1BK4 B . -1.71 -9.73 -2.65
C23 A1BK4 B . -2.13 -10.57 -1.65
C24 A1BK4 B . -2.35 -10.06 -0.37
C25 A1BK4 B . -2.15 -8.72 -0.10
C20 A1BK4 B . -1.72 -7.89 -1.11
C19 A1BK4 B . -1.50 -6.48 -0.83
C18 A1BK4 B . -2.78 -5.68 -0.75
C17 A1BK4 B . -2.36 -4.18 -0.73
O02 A1BK4 B . -2.65 -3.44 -1.65
N26 A1BK4 B . -3.64 -6.05 -1.90
C37 A1BK4 B . -4.84 -6.87 -1.66
O38 A1BK4 B . -5.85 -5.95 -1.29
O46 A1BK4 B . -5.19 -7.44 -2.90
N16 A1BK4 B . -1.62 -3.71 0.35
C10 A1BK4 B . -1.12 -2.37 0.53
C09 A1BK4 B . 0.10 -2.09 -0.39
O28 A1BK4 B . 1.06 -2.83 -0.44
C11 A1BK4 B . -0.68 -2.26 2.01
C12 A1BK4 B . -1.35 -1.14 2.81
C13 A1BK4 B . -1.41 -1.48 4.31
C14 A1BK4 B . -1.75 -0.24 5.18
N15 A1BK4 B . -3.04 -0.41 5.86
C02 A1BK4 B . 1.93 0.59 -1.56
C03 A1BK4 B . 1.19 -0.64 -2.04
C04 A1BK4 B . 0.77 -0.33 -3.49
C05 A1BK4 B . 0.43 -1.60 -4.28
C06 A1BK4 B . -0.99 -2.06 -3.97
C07 A1BK4 B . 1.36 -2.76 -3.87
C30 A1BK4 B . 2.39 0.36 -0.09
C32 A1BK4 B . 1.74 0.52 2.16
N08 A1BK4 B . 0.07 -0.96 -1.17
O01 A1BK4 B . 1.17 1.70 -1.80
O31 A1BK4 B . 1.72 1.06 0.86
O33 A1BK4 B . 3.25 -0.41 0.26
#